data_2DBB
#
_entry.id   2DBB
#
_cell.length_a   46.330
_cell.length_b   118.810
_cell.length_c   132.850
_cell.angle_alpha   90.00
_cell.angle_beta   90.00
_cell.angle_gamma   90.00
#
_symmetry.space_group_name_H-M   'I 2 2 2'
#
loop_
_entity.id
_entity.type
_entity.pdbx_description
1 polymer 'Putative HTH-type transcriptional regulator PH0061'
2 water water
#
_entity_poly.entity_id   1
_entity_poly.type   'polypeptide(L)'
_entity_poly.pdbx_seq_one_letter_code
;MDCMRKLDRVDMQLVKILSENSRLTYRELADILNTTRQRIARRIDKLKKLGIIRKFTIIPDIDKLGYMYAIVLIKSKVPS
DADKVISEISDIEYVKSVEKGVGRYNIIVRLLLPKDIKDAENLISEFLQRIKNAENVEVILISEVRKFEII
;
_entity_poly.pdbx_strand_id   A,B
#
# COMPACT_ATOMS: atom_id res chain seq x y z
N LYS A 6 -13.82 7.37 -18.75
CA LYS A 6 -12.84 8.16 -17.95
C LYS A 6 -13.56 9.11 -16.98
N LEU A 7 -12.97 9.26 -15.79
CA LEU A 7 -13.54 10.14 -14.77
C LEU A 7 -13.33 11.59 -15.20
N ASP A 8 -14.27 12.46 -14.84
CA ASP A 8 -14.14 13.86 -15.22
C ASP A 8 -13.17 14.62 -14.30
N ARG A 9 -12.92 15.86 -14.69
CA ARG A 9 -12.03 16.78 -14.00
C ARG A 9 -12.22 16.86 -12.48
N VAL A 10 -13.46 16.96 -12.03
CA VAL A 10 -13.75 17.05 -10.61
C VAL A 10 -13.50 15.74 -9.87
N ASP A 11 -13.98 14.63 -10.43
CA ASP A 11 -13.78 13.32 -9.81
C ASP A 11 -12.30 13.00 -9.64
N MET A 12 -11.52 13.32 -10.68
CA MET A 12 -10.09 13.08 -10.67
C MET A 12 -9.45 13.88 -9.52
N GLN A 13 -9.84 15.15 -9.39
CA GLN A 13 -9.29 16.00 -8.34
C GLN A 13 -9.81 15.57 -6.97
N LEU A 14 -11.02 15.01 -6.93
CA LEU A 14 -11.60 14.56 -5.67
C LEU A 14 -10.84 13.36 -5.12
N VAL A 15 -10.54 12.40 -6.00
CA VAL A 15 -9.80 11.21 -5.61
C VAL A 15 -8.46 11.65 -5.02
N LYS A 16 -7.82 12.63 -5.68
CA LYS A 16 -6.54 13.16 -5.24
C LYS A 16 -6.62 13.75 -3.84
N ILE A 17 -7.62 14.61 -3.61
CA ILE A 17 -7.83 15.24 -2.32
C ILE A 17 -8.05 14.20 -1.23
N LEU A 18 -8.95 13.25 -1.48
CA LEU A 18 -9.24 12.20 -0.51
C LEU A 18 -8.03 11.31 -0.26
N SER A 19 -7.14 11.19 -1.24
CA SER A 19 -5.94 10.37 -1.06
C SER A 19 -5.02 11.06 -0.08
N GLU A 20 -5.12 12.39 0.00
CA GLU A 20 -4.28 13.15 0.93
C GLU A 20 -4.90 13.22 2.32
N ASN A 21 -6.22 13.38 2.38
CA ASN A 21 -6.94 13.45 3.65
C ASN A 21 -8.36 12.94 3.43
N SER A 22 -8.57 11.66 3.74
CA SER A 22 -9.88 11.05 3.53
C SER A 22 -10.94 11.43 4.56
N ARG A 23 -10.56 12.19 5.60
CA ARG A 23 -11.53 12.60 6.62
C ARG A 23 -12.05 14.01 6.40
N LEU A 24 -11.83 14.57 5.22
CA LEU A 24 -12.32 15.91 4.92
C LEU A 24 -13.84 15.92 4.90
N THR A 25 -14.43 16.93 5.51
CA THR A 25 -15.88 17.05 5.54
C THR A 25 -16.35 17.46 4.15
N TYR A 26 -17.59 17.09 3.80
CA TYR A 26 -18.13 17.44 2.51
C TYR A 26 -18.07 18.96 2.33
N ARG A 27 -18.19 19.67 3.44
CA ARG A 27 -18.14 21.13 3.44
C ARG A 27 -16.77 21.57 2.94
N GLU A 28 -15.73 21.00 3.54
CA GLU A 28 -14.36 21.33 3.17
C GLU A 28 -14.08 20.95 1.72
N LEU A 29 -14.65 19.83 1.28
CA LEU A 29 -14.47 19.36 -0.09
C LEU A 29 -15.17 20.28 -1.08
N ALA A 30 -16.39 20.68 -0.77
CA ALA A 30 -17.14 21.57 -1.64
C ALA A 30 -16.38 22.88 -1.80
N ASP A 31 -15.83 23.38 -0.69
CA ASP A 31 -15.06 24.62 -0.72
C ASP A 31 -13.87 24.52 -1.66
N ILE A 32 -13.08 23.47 -1.49
CA ILE A 32 -11.90 23.25 -2.33
C ILE A 32 -12.30 23.15 -3.79
N LEU A 33 -13.27 22.28 -4.06
CA LEU A 33 -13.74 22.06 -5.41
C LEU A 33 -14.75 23.09 -5.89
N ASN A 34 -14.95 24.13 -5.09
CA ASN A 34 -15.88 25.20 -5.46
C ASN A 34 -17.22 24.66 -5.95
N THR A 35 -17.93 23.92 -5.09
CA THR A 35 -19.22 23.37 -5.45
C THR A 35 -20.08 23.24 -4.19
N THR A 36 -21.15 22.46 -4.26
CA THR A 36 -22.04 22.28 -3.11
C THR A 36 -21.87 20.93 -2.44
N ARG A 37 -22.07 20.91 -1.12
CA ARG A 37 -21.95 19.67 -0.35
C ARG A 37 -22.85 18.60 -0.95
N GLN A 38 -23.98 19.03 -1.51
CA GLN A 38 -24.91 18.09 -2.13
C GLN A 38 -24.25 17.41 -3.32
N ARG A 39 -23.49 18.19 -4.10
CA ARG A 39 -22.82 17.65 -5.27
C ARG A 39 -21.66 16.74 -4.88
N ILE A 40 -20.96 17.12 -3.81
CA ILE A 40 -19.84 16.33 -3.30
C ILE A 40 -20.36 14.97 -2.84
N ALA A 41 -21.43 15.00 -2.06
CA ALA A 41 -22.03 13.78 -1.55
C ALA A 41 -22.41 12.85 -2.70
N ARG A 42 -22.96 13.41 -3.77
CA ARG A 42 -23.36 12.63 -4.94
C ARG A 42 -22.18 12.05 -5.71
N ARG A 43 -21.12 12.85 -5.89
CA ARG A 43 -19.96 12.35 -6.61
C ARG A 43 -19.28 11.21 -5.85
N ILE A 44 -19.03 11.42 -4.57
CA ILE A 44 -18.40 10.39 -3.76
C ILE A 44 -19.26 9.13 -3.74
N ASP A 45 -20.58 9.31 -3.70
CA ASP A 45 -21.47 8.16 -3.71
C ASP A 45 -21.29 7.37 -5.00
N LYS A 46 -21.13 8.08 -6.10
CA LYS A 46 -20.95 7.44 -7.40
C LYS A 46 -19.59 6.74 -7.45
N LEU A 47 -18.55 7.43 -7.00
CA LEU A 47 -17.21 6.86 -7.00
C LEU A 47 -17.15 5.57 -6.21
N LYS A 48 -17.85 5.53 -5.08
CA LYS A 48 -17.86 4.34 -4.24
C LYS A 48 -18.66 3.22 -4.91
N LYS A 49 -19.81 3.56 -5.47
CA LYS A 49 -20.65 2.58 -6.13
C LYS A 49 -19.98 1.98 -7.36
N LEU A 50 -19.31 2.80 -8.16
CA LEU A 50 -18.63 2.30 -9.35
C LEU A 50 -17.41 1.46 -8.96
N GLY A 51 -16.99 1.59 -7.71
CA GLY A 51 -15.84 0.82 -7.24
C GLY A 51 -14.52 1.54 -7.46
N ILE A 52 -14.59 2.82 -7.79
CA ILE A 52 -13.38 3.62 -8.02
C ILE A 52 -12.69 3.83 -6.68
N ILE A 53 -13.48 4.08 -5.64
CA ILE A 53 -12.95 4.23 -4.30
C ILE A 53 -13.44 2.95 -3.61
N ARG A 54 -12.52 2.05 -3.29
CA ARG A 54 -12.88 0.80 -2.66
C ARG A 54 -12.89 0.89 -1.14
N LYS A 55 -12.14 1.85 -0.61
CA LYS A 55 -12.06 1.94 0.84
C LYS A 55 -11.45 3.22 1.38
N PHE A 56 -11.95 3.64 2.54
CA PHE A 56 -11.45 4.81 3.24
C PHE A 56 -10.63 4.15 4.33
N THR A 57 -9.31 4.31 4.26
CA THR A 57 -8.41 3.67 5.21
C THR A 57 -7.36 4.64 5.76
N ILE A 58 -6.35 4.10 6.42
CA ILE A 58 -5.27 4.91 6.97
C ILE A 58 -3.94 4.24 6.66
N ILE A 59 -2.87 5.02 6.76
CA ILE A 59 -1.52 4.52 6.57
C ILE A 59 -0.89 4.64 7.96
N PRO A 60 -0.77 3.50 8.67
CA PRO A 60 -0.18 3.51 10.01
C PRO A 60 1.31 3.23 9.95
N ASP A 61 2.02 3.49 11.04
CA ASP A 61 3.44 3.20 11.07
C ASP A 61 3.56 1.77 11.59
N ILE A 62 3.76 0.84 10.65
CA ILE A 62 3.87 -0.59 10.91
C ILE A 62 4.85 -0.91 12.03
N ASP A 63 6.01 -0.28 11.99
CA ASP A 63 7.02 -0.52 13.01
C ASP A 63 6.50 -0.18 14.41
N LYS A 64 5.81 0.94 14.53
CA LYS A 64 5.27 1.36 15.82
C LYS A 64 4.17 0.44 16.35
N LEU A 65 3.59 -0.37 15.49
CA LEU A 65 2.54 -1.29 15.94
C LEU A 65 3.12 -2.66 16.29
N GLY A 66 4.42 -2.82 16.05
CA GLY A 66 5.06 -4.09 16.37
C GLY A 66 5.13 -5.10 15.23
N TYR A 67 4.92 -4.65 14.01
CA TYR A 67 4.95 -5.52 12.85
C TYR A 67 6.09 -5.15 11.89
N MET A 68 6.32 -6.02 10.91
CA MET A 68 7.29 -5.77 9.87
C MET A 68 6.73 -6.38 8.59
N TYR A 69 7.09 -5.81 7.46
CA TYR A 69 6.63 -6.35 6.20
C TYR A 69 7.61 -7.36 5.65
N ALA A 70 7.14 -8.11 4.67
CA ALA A 70 7.94 -9.09 3.97
C ALA A 70 7.31 -9.10 2.59
N ILE A 71 8.16 -9.09 1.56
CA ILE A 71 7.70 -9.13 0.19
C ILE A 71 8.10 -10.49 -0.36
N VAL A 72 7.16 -11.21 -0.94
CA VAL A 72 7.52 -12.51 -1.50
C VAL A 72 7.42 -12.41 -3.01
N LEU A 73 8.48 -12.84 -3.70
CA LEU A 73 8.53 -12.80 -5.15
C LEU A 73 8.38 -14.24 -5.64
N ILE A 74 7.42 -14.46 -6.52
CA ILE A 74 7.17 -15.80 -7.02
C ILE A 74 7.17 -15.88 -8.53
N LYS A 75 7.87 -16.88 -9.05
CA LYS A 75 7.90 -17.12 -10.48
C LYS A 75 7.33 -18.52 -10.70
N SER A 76 6.15 -18.58 -11.30
CA SER A 76 5.48 -19.85 -11.57
C SER A 76 6.21 -20.59 -12.68
N LYS A 77 6.04 -21.91 -12.72
CA LYS A 77 6.68 -22.71 -13.75
C LYS A 77 5.91 -22.51 -15.05
N VAL A 78 4.58 -22.40 -14.95
CA VAL A 78 3.73 -22.15 -16.11
C VAL A 78 2.72 -21.08 -15.71
N PRO A 79 2.31 -20.22 -16.67
CA PRO A 79 1.35 -19.14 -16.42
C PRO A 79 0.10 -19.52 -15.63
N SER A 80 -0.59 -20.58 -16.04
CA SER A 80 -1.81 -20.99 -15.35
C SER A 80 -1.65 -21.28 -13.87
N ASP A 81 -0.42 -21.57 -13.43
CA ASP A 81 -0.16 -21.84 -12.02
C ASP A 81 -0.38 -20.59 -11.14
N ALA A 82 -0.10 -19.42 -11.71
CA ALA A 82 -0.25 -18.16 -10.97
C ALA A 82 -1.66 -17.98 -10.40
N ASP A 83 -2.68 -18.27 -11.20
CA ASP A 83 -4.05 -18.12 -10.74
C ASP A 83 -4.34 -19.08 -9.59
N LYS A 84 -3.77 -20.27 -9.65
CA LYS A 84 -3.97 -21.25 -8.60
C LYS A 84 -3.39 -20.76 -7.28
N VAL A 85 -2.16 -20.26 -7.33
CA VAL A 85 -1.50 -19.74 -6.13
C VAL A 85 -2.28 -18.57 -5.56
N ILE A 86 -2.68 -17.65 -6.43
CA ILE A 86 -3.42 -16.48 -6.01
C ILE A 86 -4.72 -16.86 -5.29
N SER A 87 -5.42 -17.87 -5.81
CA SER A 87 -6.66 -18.31 -5.21
C SER A 87 -6.40 -18.93 -3.84
N GLU A 88 -5.28 -19.62 -3.73
CA GLU A 88 -4.89 -20.29 -2.50
C GLU A 88 -4.38 -19.37 -1.37
N ILE A 89 -3.78 -18.24 -1.73
CA ILE A 89 -3.22 -17.34 -0.73
C ILE A 89 -4.00 -16.05 -0.46
N SER A 90 -4.84 -15.64 -1.40
CA SER A 90 -5.60 -14.40 -1.24
C SER A 90 -6.45 -14.27 0.01
N ASP A 91 -6.83 -15.40 0.61
CA ASP A 91 -7.66 -15.39 1.80
C ASP A 91 -6.90 -15.37 3.13
N ILE A 92 -5.59 -15.63 3.08
CA ILE A 92 -4.78 -15.63 4.29
C ILE A 92 -4.80 -14.23 4.91
N GLU A 93 -5.15 -14.17 6.21
CA GLU A 93 -5.27 -12.91 6.94
C GLU A 93 -4.08 -11.95 6.88
N TYR A 94 -2.88 -12.48 7.06
CA TYR A 94 -1.68 -11.64 7.04
C TYR A 94 -1.12 -11.34 5.65
N VAL A 95 -1.83 -11.78 4.61
CA VAL A 95 -1.40 -11.46 3.25
C VAL A 95 -2.10 -10.13 2.98
N LYS A 96 -1.30 -9.07 2.78
CA LYS A 96 -1.84 -7.73 2.58
C LYS A 96 -2.10 -7.33 1.15
N SER A 97 -1.33 -7.88 0.22
CA SER A 97 -1.53 -7.58 -1.18
C SER A 97 -1.00 -8.71 -2.03
N VAL A 98 -1.67 -8.93 -3.15
CA VAL A 98 -1.31 -9.98 -4.06
C VAL A 98 -1.45 -9.36 -5.44
N GLU A 99 -0.42 -9.49 -6.26
CA GLU A 99 -0.47 -8.92 -7.58
C GLU A 99 0.11 -9.86 -8.61
N LYS A 100 -0.50 -9.87 -9.79
CA LYS A 100 -0.01 -10.69 -10.88
C LYS A 100 0.88 -9.73 -11.66
N GLY A 101 2.05 -10.20 -12.08
CA GLY A 101 2.94 -9.31 -12.80
C GLY A 101 3.59 -9.91 -14.02
N VAL A 102 4.26 -9.06 -14.80
CA VAL A 102 4.95 -9.47 -16.01
C VAL A 102 6.43 -9.09 -15.87
N GLY A 103 7.29 -10.09 -15.94
CA GLY A 103 8.72 -9.84 -15.82
C GLY A 103 9.41 -11.05 -15.23
N ARG A 104 10.47 -10.83 -14.46
CA ARG A 104 11.22 -11.92 -13.84
C ARG A 104 10.36 -12.73 -12.85
N TYR A 105 9.37 -12.07 -12.24
CA TYR A 105 8.48 -12.73 -11.30
C TYR A 105 7.06 -12.39 -11.74
N ASN A 106 6.14 -13.35 -11.64
CA ASN A 106 4.77 -13.07 -12.05
C ASN A 106 3.80 -12.92 -10.89
N ILE A 107 4.29 -13.13 -9.67
CA ILE A 107 3.45 -12.94 -8.50
C ILE A 107 4.24 -12.23 -7.41
N ILE A 108 3.67 -11.14 -6.90
CA ILE A 108 4.30 -10.39 -5.84
C ILE A 108 3.31 -10.32 -4.69
N VAL A 109 3.78 -10.71 -3.51
CA VAL A 109 2.95 -10.73 -2.32
C VAL A 109 3.58 -9.95 -1.17
N ARG A 110 2.77 -9.20 -0.44
CA ARG A 110 3.27 -8.46 0.71
C ARG A 110 2.62 -9.09 1.95
N LEU A 111 3.45 -9.42 2.93
CA LEU A 111 2.96 -10.03 4.17
C LEU A 111 3.18 -9.07 5.33
N LEU A 112 2.28 -9.14 6.31
CA LEU A 112 2.40 -8.33 7.51
C LEU A 112 2.77 -9.37 8.56
N LEU A 113 3.90 -9.15 9.21
CA LEU A 113 4.36 -10.11 10.20
C LEU A 113 4.78 -9.46 11.52
N PRO A 114 4.81 -10.25 12.60
CA PRO A 114 5.21 -9.71 13.89
C PRO A 114 6.73 -9.51 13.79
N LYS A 115 7.31 -8.62 14.58
CA LYS A 115 8.74 -8.38 14.50
C LYS A 115 9.58 -9.52 15.06
N ASP A 116 9.00 -10.33 15.94
CA ASP A 116 9.73 -11.46 16.51
C ASP A 116 10.04 -12.43 15.37
N ILE A 117 11.32 -12.59 15.06
CA ILE A 117 11.73 -13.44 13.96
C ILE A 117 11.20 -14.89 14.03
N LYS A 118 11.08 -15.43 15.24
CA LYS A 118 10.59 -16.80 15.37
C LYS A 118 9.12 -16.86 14.96
N ASP A 119 8.33 -15.90 15.45
CA ASP A 119 6.91 -15.86 15.12
C ASP A 119 6.70 -15.52 13.66
N ALA A 120 7.58 -14.69 13.11
CA ALA A 120 7.50 -14.30 11.71
C ALA A 120 7.79 -15.51 10.83
N GLU A 121 8.78 -16.30 11.22
CA GLU A 121 9.18 -17.49 10.48
C GLU A 121 8.03 -18.50 10.43
N ASN A 122 7.31 -18.61 11.54
CA ASN A 122 6.18 -19.52 11.60
C ASN A 122 5.15 -19.13 10.56
N LEU A 123 4.84 -17.84 10.48
CA LEU A 123 3.87 -17.35 9.51
C LEU A 123 4.39 -17.48 8.09
N ILE A 124 5.67 -17.20 7.87
CA ILE A 124 6.23 -17.34 6.53
C ILE A 124 6.17 -18.80 6.06
N SER A 125 6.56 -19.72 6.94
CA SER A 125 6.53 -21.14 6.61
C SER A 125 5.12 -21.64 6.31
N GLU A 126 4.14 -21.13 7.05
CA GLU A 126 2.75 -21.52 6.83
C GLU A 126 2.31 -21.05 5.46
N PHE A 127 2.78 -19.85 5.09
CA PHE A 127 2.44 -19.26 3.81
C PHE A 127 3.12 -19.98 2.64
N LEU A 128 4.42 -20.23 2.77
CA LEU A 128 5.18 -20.89 1.71
C LEU A 128 4.66 -22.30 1.43
N GLN A 129 4.11 -22.92 2.45
CA GLN A 129 3.55 -24.27 2.33
C GLN A 129 2.46 -24.28 1.27
N ARG A 130 1.73 -23.17 1.14
CA ARG A 130 0.64 -23.09 0.17
C ARG A 130 1.06 -22.77 -1.25
N ILE A 131 2.36 -22.61 -1.47
CA ILE A 131 2.87 -22.31 -2.81
C ILE A 131 3.49 -23.58 -3.37
N LYS A 132 2.70 -24.28 -4.17
CA LYS A 132 3.15 -25.54 -4.73
C LYS A 132 3.86 -25.45 -6.08
N ASN A 133 4.96 -26.20 -6.18
CA ASN A 133 5.73 -26.30 -7.40
C ASN A 133 6.05 -24.99 -8.11
N ALA A 134 6.72 -24.07 -7.42
CA ALA A 134 7.09 -22.80 -8.04
C ALA A 134 8.48 -22.94 -8.62
N GLU A 135 8.81 -22.13 -9.61
CA GLU A 135 10.14 -22.15 -10.21
C GLU A 135 11.10 -21.37 -9.31
N ASN A 136 10.66 -20.19 -8.86
CA ASN A 136 11.47 -19.38 -7.96
C ASN A 136 10.60 -18.72 -6.91
N VAL A 137 11.08 -18.70 -5.68
CA VAL A 137 10.40 -18.04 -4.57
C VAL A 137 11.46 -17.30 -3.78
N GLU A 138 11.30 -15.99 -3.66
CA GLU A 138 12.25 -15.16 -2.92
C GLU A 138 11.52 -14.43 -1.81
N VAL A 139 12.04 -14.53 -0.59
CA VAL A 139 11.42 -13.84 0.53
C VAL A 139 12.34 -12.70 0.94
N ILE A 140 11.79 -11.50 0.96
CA ILE A 140 12.56 -10.32 1.34
C ILE A 140 11.93 -9.67 2.56
N LEU A 141 12.66 -9.64 3.67
CA LEU A 141 12.17 -9.02 4.88
C LEU A 141 12.46 -7.52 4.75
N ILE A 142 11.47 -6.70 5.04
CA ILE A 142 11.64 -5.26 4.96
C ILE A 142 12.15 -4.69 6.27
N SER A 143 13.39 -4.19 6.25
CA SER A 143 14.00 -3.63 7.44
C SER A 143 13.52 -2.20 7.68
N GLU A 144 13.06 -1.53 6.64
CA GLU A 144 12.61 -0.16 6.80
C GLU A 144 11.72 0.35 5.68
N VAL A 145 10.69 1.11 6.06
CA VAL A 145 9.77 1.72 5.11
C VAL A 145 10.13 3.20 5.06
N ARG A 146 10.69 3.64 3.93
CA ARG A 146 11.09 5.03 3.79
C ARG A 146 9.99 5.90 3.22
N LYS A 147 9.04 5.27 2.55
CA LYS A 147 7.92 6.00 1.98
C LYS A 147 6.81 5.00 1.72
N PHE A 148 5.58 5.38 2.05
CA PHE A 148 4.45 4.49 1.82
C PHE A 148 3.19 5.30 1.60
N GLU A 149 2.71 5.32 0.36
CA GLU A 149 1.50 6.03 -0.01
C GLU A 149 0.70 5.17 -0.98
N ILE A 150 -0.58 5.50 -1.13
CA ILE A 150 -1.45 4.77 -2.05
C ILE A 150 -1.96 5.79 -3.06
N ILE A 151 -1.13 6.09 -4.06
CA ILE A 151 -1.49 7.08 -5.07
C ILE A 151 -1.39 8.47 -4.45
N MET B 4 8.27 0.62 19.93
CA MET B 4 8.67 -0.26 18.81
C MET B 4 7.72 -1.43 18.63
N ARG B 5 6.66 -1.46 19.45
CA ARG B 5 5.67 -2.54 19.38
C ARG B 5 4.46 -2.36 20.29
N LYS B 6 4.63 -2.69 21.58
CA LYS B 6 3.54 -2.60 22.54
C LYS B 6 2.72 -1.32 22.49
N LEU B 7 1.41 -1.48 22.37
CA LEU B 7 0.48 -0.37 22.30
C LEU B 7 -0.87 -0.76 22.89
N ASP B 8 -1.46 0.14 23.67
CA ASP B 8 -2.76 -0.09 24.31
C ASP B 8 -3.73 -0.92 23.46
N ARG B 9 -4.49 -1.79 24.12
CA ARG B 9 -5.45 -2.65 23.43
C ARG B 9 -6.54 -1.90 22.67
N VAL B 10 -7.03 -0.82 23.24
CA VAL B 10 -8.06 -0.03 22.58
C VAL B 10 -7.49 0.74 21.40
N ASP B 11 -6.25 1.19 21.51
CA ASP B 11 -5.62 1.92 20.41
C ASP B 11 -5.49 1.01 19.20
N MET B 12 -5.14 -0.25 19.42
CA MET B 12 -4.99 -1.18 18.32
C MET B 12 -6.35 -1.44 17.63
N GLN B 13 -7.41 -1.59 18.42
CA GLN B 13 -8.73 -1.83 17.84
C GLN B 13 -9.10 -0.63 16.98
N LEU B 14 -8.83 0.55 17.50
CA LEU B 14 -9.11 1.80 16.82
C LEU B 14 -8.36 1.84 15.48
N VAL B 15 -7.12 1.40 15.47
CA VAL B 15 -6.33 1.37 14.26
C VAL B 15 -6.95 0.37 13.27
N LYS B 16 -7.33 -0.79 13.77
CA LYS B 16 -7.95 -1.83 12.96
C LYS B 16 -9.23 -1.30 12.30
N ILE B 17 -10.05 -0.61 13.09
CA ILE B 17 -11.31 -0.06 12.60
C ILE B 17 -11.11 1.05 11.55
N LEU B 18 -10.26 2.01 11.86
CA LEU B 18 -9.99 3.13 10.96
C LEU B 18 -9.39 2.69 9.64
N SER B 19 -8.75 1.52 9.62
CA SER B 19 -8.17 1.01 8.40
C SER B 19 -9.23 0.50 7.45
N GLU B 20 -10.42 0.19 7.98
CA GLU B 20 -11.53 -0.30 7.15
C GLU B 20 -12.47 0.84 6.77
N ASN B 21 -12.59 1.84 7.66
CA ASN B 21 -13.42 3.00 7.41
C ASN B 21 -12.86 4.21 8.15
N SER B 22 -11.95 4.92 7.50
CA SER B 22 -11.30 6.07 8.10
C SER B 22 -12.21 7.30 8.27
N ARG B 23 -13.46 7.22 7.82
CA ARG B 23 -14.37 8.36 7.96
C ARG B 23 -15.36 8.25 9.11
N LEU B 24 -15.23 7.21 9.92
CA LEU B 24 -16.12 7.05 11.06
C LEU B 24 -15.94 8.21 12.04
N THR B 25 -17.03 8.85 12.43
CA THR B 25 -16.98 9.97 13.36
C THR B 25 -16.59 9.46 14.74
N TYR B 26 -16.08 10.34 15.60
CA TYR B 26 -15.68 9.94 16.95
C TYR B 26 -16.86 9.33 17.70
N ARG B 27 -18.06 9.83 17.41
CA ARG B 27 -19.27 9.34 18.03
C ARG B 27 -19.50 7.87 17.65
N GLU B 28 -19.44 7.56 16.35
CA GLU B 28 -19.62 6.19 15.89
C GLU B 28 -18.54 5.28 16.51
N LEU B 29 -17.30 5.77 16.53
CA LEU B 29 -16.21 5.00 17.11
C LEU B 29 -16.47 4.74 18.60
N ALA B 30 -16.90 5.78 19.30
CA ALA B 30 -17.19 5.65 20.73
C ALA B 30 -18.28 4.60 20.96
N ASP B 31 -19.30 4.60 20.11
CA ASP B 31 -20.39 3.64 20.21
C ASP B 31 -19.92 2.21 19.98
N ILE B 32 -19.11 2.03 18.94
CA ILE B 32 -18.58 0.71 18.62
C ILE B 32 -17.68 0.18 19.73
N LEU B 33 -16.89 1.08 20.32
CA LEU B 33 -15.95 0.68 21.38
C LEU B 33 -16.44 0.89 22.81
N ASN B 34 -17.72 1.22 22.95
CA ASN B 34 -18.32 1.41 24.27
C ASN B 34 -17.50 2.34 25.17
N THR B 35 -17.26 3.55 24.69
CA THR B 35 -16.51 4.55 25.43
C THR B 35 -17.10 5.90 25.06
N THR B 36 -16.46 6.98 25.46
CA THR B 36 -16.98 8.30 25.14
C THR B 36 -16.32 8.88 23.90
N ARG B 37 -17.01 9.83 23.27
CA ARG B 37 -16.49 10.49 22.09
C ARG B 37 -15.23 11.27 22.46
N GLN B 38 -15.26 11.88 23.64
CA GLN B 38 -14.12 12.66 24.11
C GLN B 38 -12.88 11.77 24.22
N ARG B 39 -13.04 10.60 24.82
CA ARG B 39 -11.92 9.67 24.96
C ARG B 39 -11.42 9.21 23.60
N ILE B 40 -12.33 9.01 22.65
CA ILE B 40 -11.93 8.59 21.32
C ILE B 40 -11.12 9.71 20.68
N ALA B 41 -11.57 10.95 20.90
CA ALA B 41 -10.89 12.11 20.33
C ALA B 41 -9.45 12.15 20.84
N ARG B 42 -9.28 12.04 22.15
CA ARG B 42 -7.95 12.06 22.73
C ARG B 42 -7.08 10.92 22.23
N ARG B 43 -7.64 9.72 22.13
CA ARG B 43 -6.88 8.57 21.67
C ARG B 43 -6.38 8.77 20.24
N ILE B 44 -7.27 9.16 19.34
CA ILE B 44 -6.89 9.38 17.95
C ILE B 44 -5.86 10.50 17.85
N ASP B 45 -6.03 11.52 18.68
CA ASP B 45 -5.10 12.64 18.65
C ASP B 45 -3.70 12.19 19.07
N LYS B 46 -3.62 11.34 20.08
CA LYS B 46 -2.34 10.85 20.55
C LYS B 46 -1.70 9.98 19.47
N LEU B 47 -2.51 9.13 18.84
CA LEU B 47 -2.02 8.25 17.80
C LEU B 47 -1.39 9.06 16.67
N LYS B 48 -2.02 10.18 16.31
CA LYS B 48 -1.51 11.02 15.25
C LYS B 48 -0.24 11.74 15.70
N LYS B 49 -0.24 12.20 16.94
CA LYS B 49 0.92 12.92 17.47
C LYS B 49 2.14 12.00 17.51
N LEU B 50 1.92 10.74 17.87
CA LEU B 50 2.99 9.76 17.95
C LEU B 50 3.38 9.16 16.61
N GLY B 51 2.75 9.61 15.54
CA GLY B 51 3.07 9.07 14.23
C GLY B 51 2.58 7.65 13.99
N ILE B 52 1.76 7.13 14.90
CA ILE B 52 1.24 5.78 14.73
C ILE B 52 0.29 5.76 13.52
N ILE B 53 -0.54 6.79 13.40
CA ILE B 53 -1.41 6.93 12.23
C ILE B 53 -0.75 8.07 11.46
N ARG B 54 -0.16 7.75 10.31
CA ARG B 54 0.53 8.74 9.52
C ARG B 54 -0.33 9.49 8.52
N LYS B 55 -1.38 8.83 8.04
CA LYS B 55 -2.22 9.45 7.02
C LYS B 55 -3.61 8.83 6.95
N PHE B 56 -4.57 9.64 6.52
CA PHE B 56 -5.95 9.22 6.31
C PHE B 56 -6.08 9.27 4.80
N THR B 57 -6.12 8.11 4.17
CA THR B 57 -6.20 8.06 2.72
C THR B 57 -7.26 7.09 2.20
N ILE B 58 -7.18 6.73 0.92
CA ILE B 58 -8.14 5.81 0.32
C ILE B 58 -7.47 4.74 -0.50
N ILE B 59 -8.18 3.65 -0.74
CA ILE B 59 -7.68 2.58 -1.59
C ILE B 59 -8.53 2.64 -2.84
N PRO B 60 -7.95 3.07 -3.96
CA PRO B 60 -8.75 3.14 -5.18
C PRO B 60 -8.48 1.95 -6.08
N ASP B 61 -9.28 1.83 -7.13
CA ASP B 61 -9.07 0.78 -8.12
C ASP B 61 -8.28 1.55 -9.16
N ILE B 62 -6.95 1.41 -9.13
CA ILE B 62 -6.11 2.16 -10.06
C ILE B 62 -6.38 1.91 -11.54
N ASP B 63 -6.86 0.71 -11.86
CA ASP B 63 -7.15 0.39 -13.25
C ASP B 63 -8.28 1.31 -13.73
N LYS B 64 -9.32 1.44 -12.92
CA LYS B 64 -10.45 2.29 -13.28
C LYS B 64 -10.05 3.77 -13.36
N LEU B 65 -8.94 4.14 -12.72
CA LEU B 65 -8.47 5.51 -12.76
C LEU B 65 -7.57 5.73 -13.96
N GLY B 66 -7.26 4.66 -14.67
CA GLY B 66 -6.41 4.77 -15.84
C GLY B 66 -4.93 4.61 -15.55
N TYR B 67 -4.61 3.92 -14.46
CA TYR B 67 -3.23 3.70 -14.06
C TYR B 67 -2.91 2.22 -13.96
N MET B 68 -1.62 1.93 -13.78
CA MET B 68 -1.13 0.57 -13.61
C MET B 68 0.08 0.67 -12.67
N TYR B 69 0.31 -0.38 -11.90
CA TYR B 69 1.45 -0.40 -10.98
C TYR B 69 2.65 -1.06 -11.64
N ALA B 70 3.82 -0.73 -11.12
CA ALA B 70 5.07 -1.32 -11.56
C ALA B 70 5.86 -1.46 -10.27
N ILE B 71 6.54 -2.58 -10.11
CA ILE B 71 7.35 -2.80 -8.93
C ILE B 71 8.78 -2.83 -9.44
N VAL B 72 9.65 -2.06 -8.80
CA VAL B 72 11.05 -2.02 -9.19
C VAL B 72 11.88 -2.65 -8.07
N LEU B 73 12.58 -3.71 -8.42
CA LEU B 73 13.41 -4.45 -7.49
C LEU B 73 14.87 -4.03 -7.75
N ILE B 74 15.52 -3.50 -6.72
CA ILE B 74 16.88 -3.03 -6.88
C ILE B 74 17.89 -3.71 -5.98
N LYS B 75 19.04 -4.06 -6.57
CA LYS B 75 20.13 -4.66 -5.81
C LYS B 75 21.29 -3.66 -5.93
N SER B 76 21.70 -3.08 -4.80
CA SER B 76 22.78 -2.10 -4.77
C SER B 76 24.18 -2.71 -4.66
N LYS B 77 25.17 -1.93 -5.09
CA LYS B 77 26.56 -2.36 -5.04
C LYS B 77 27.12 -2.04 -3.65
N VAL B 78 26.64 -0.96 -3.04
CA VAL B 78 27.09 -0.54 -1.71
C VAL B 78 25.99 0.21 -0.95
N PRO B 79 26.02 0.20 0.39
CA PRO B 79 25.03 0.88 1.24
C PRO B 79 24.88 2.35 0.91
N SER B 80 26.01 3.05 0.82
CA SER B 80 26.04 4.47 0.51
C SER B 80 25.23 4.78 -0.74
N ASP B 81 25.28 3.87 -1.71
CA ASP B 81 24.55 4.04 -2.95
C ASP B 81 23.07 3.84 -2.71
N ALA B 82 22.73 2.87 -1.86
CA ALA B 82 21.34 2.58 -1.54
C ALA B 82 20.66 3.82 -0.97
N ASP B 83 21.22 4.37 0.10
CA ASP B 83 20.66 5.54 0.75
C ASP B 83 20.51 6.72 -0.19
N LYS B 84 21.50 6.89 -1.07
CA LYS B 84 21.46 8.00 -2.03
C LYS B 84 20.34 7.77 -3.03
N VAL B 85 20.20 6.53 -3.50
CA VAL B 85 19.15 6.21 -4.45
C VAL B 85 17.81 6.53 -3.80
N ILE B 86 17.66 6.08 -2.55
CA ILE B 86 16.43 6.28 -1.80
C ILE B 86 16.07 7.75 -1.61
N SER B 87 17.06 8.58 -1.31
CA SER B 87 16.78 10.00 -1.13
C SER B 87 16.51 10.63 -2.49
N GLU B 88 17.09 10.05 -3.53
CA GLU B 88 16.92 10.53 -4.90
C GLU B 88 15.51 10.29 -5.43
N ILE B 89 14.93 9.14 -5.10
CA ILE B 89 13.59 8.81 -5.61
C ILE B 89 12.42 9.04 -4.66
N SER B 90 12.69 9.16 -3.36
CA SER B 90 11.61 9.35 -2.39
C SER B 90 10.75 10.59 -2.60
N ASP B 91 11.28 11.59 -3.29
CA ASP B 91 10.52 12.81 -3.53
C ASP B 91 9.73 12.79 -4.84
N ILE B 92 9.97 11.78 -5.68
CA ILE B 92 9.24 11.68 -6.93
C ILE B 92 7.79 11.36 -6.63
N GLU B 93 6.88 12.14 -7.20
CA GLU B 93 5.46 11.98 -6.96
C GLU B 93 4.84 10.64 -7.35
N TYR B 94 5.27 10.09 -8.48
CA TYR B 94 4.70 8.82 -8.93
C TYR B 94 5.32 7.59 -8.26
N VAL B 95 6.26 7.84 -7.36
CA VAL B 95 6.91 6.77 -6.59
C VAL B 95 6.04 6.69 -5.33
N LYS B 96 5.26 5.62 -5.21
CA LYS B 96 4.35 5.45 -4.08
C LYS B 96 4.95 4.84 -2.80
N SER B 97 5.93 3.96 -2.95
CA SER B 97 6.55 3.38 -1.77
C SER B 97 8.00 3.04 -2.05
N VAL B 98 8.79 3.08 -0.98
CA VAL B 98 10.21 2.79 -1.03
C VAL B 98 10.53 2.05 0.25
N GLU B 99 11.14 0.89 0.10
CA GLU B 99 11.47 0.07 1.25
C GLU B 99 12.85 -0.55 1.11
N LYS B 100 13.51 -0.76 2.24
CA LYS B 100 14.83 -1.37 2.26
C LYS B 100 14.58 -2.79 2.76
N GLY B 101 15.25 -3.76 2.16
CA GLY B 101 15.03 -5.13 2.58
C GLY B 101 16.29 -5.95 2.68
N VAL B 102 16.12 -7.15 3.24
CA VAL B 102 17.20 -8.11 3.41
C VAL B 102 16.82 -9.28 2.51
N GLY B 103 17.61 -9.52 1.48
CA GLY B 103 17.33 -10.60 0.55
C GLY B 103 17.93 -10.35 -0.82
N ARG B 104 17.38 -10.97 -1.86
CA ARG B 104 17.93 -10.80 -3.19
C ARG B 104 17.97 -9.34 -3.67
N TYR B 105 17.04 -8.52 -3.19
CA TYR B 105 16.99 -7.11 -3.57
C TYR B 105 16.92 -6.29 -2.29
N ASN B 106 17.75 -5.26 -2.17
CA ASN B 106 17.74 -4.46 -0.96
C ASN B 106 16.83 -3.23 -1.03
N ILE B 107 16.36 -2.89 -2.23
CA ILE B 107 15.46 -1.75 -2.38
C ILE B 107 14.27 -2.19 -3.22
N ILE B 108 13.08 -1.94 -2.69
CA ILE B 108 11.82 -2.30 -3.35
C ILE B 108 11.03 -1.02 -3.53
N VAL B 109 10.66 -0.72 -4.78
CA VAL B 109 9.93 0.49 -5.10
C VAL B 109 8.64 0.23 -5.86
N ARG B 110 7.58 0.96 -5.50
CA ARG B 110 6.32 0.83 -6.23
C ARG B 110 6.10 2.14 -6.95
N LEU B 111 5.75 2.05 -8.24
CA LEU B 111 5.47 3.20 -9.07
C LEU B 111 4.03 3.16 -9.57
N LEU B 112 3.41 4.33 -9.67
CA LEU B 112 2.06 4.44 -10.22
C LEU B 112 2.32 5.01 -11.61
N LEU B 113 1.99 4.25 -12.65
CA LEU B 113 2.23 4.69 -14.02
C LEU B 113 0.94 4.81 -14.83
N PRO B 114 1.00 5.52 -15.97
CA PRO B 114 -0.17 5.68 -16.82
C PRO B 114 -0.43 4.31 -17.43
N LYS B 115 -1.70 3.96 -17.60
CA LYS B 115 -2.05 2.67 -18.17
C LYS B 115 -1.54 2.52 -19.60
N ASP B 116 -1.35 3.64 -20.29
CA ASP B 116 -0.86 3.63 -21.68
C ASP B 116 0.58 3.08 -21.73
N ILE B 117 0.76 1.99 -22.47
CA ILE B 117 2.07 1.33 -22.60
C ILE B 117 3.23 2.24 -23.02
N LYS B 118 2.99 3.13 -23.98
CA LYS B 118 4.05 4.03 -24.43
C LYS B 118 4.39 5.10 -23.39
N ASP B 119 3.36 5.62 -22.73
CA ASP B 119 3.59 6.63 -21.69
C ASP B 119 4.24 5.94 -20.51
N ALA B 120 3.76 4.75 -20.19
CA ALA B 120 4.30 3.99 -19.08
C ALA B 120 5.78 3.69 -19.26
N GLU B 121 6.15 3.22 -20.45
CA GLU B 121 7.54 2.89 -20.75
C GLU B 121 8.43 4.13 -20.71
N ASN B 122 7.92 5.25 -21.21
CA ASN B 122 8.70 6.48 -21.20
C ASN B 122 8.96 6.87 -19.75
N LEU B 123 7.93 6.77 -18.93
CA LEU B 123 8.04 7.13 -17.52
C LEU B 123 9.00 6.20 -16.78
N ILE B 124 8.98 4.91 -17.12
CA ILE B 124 9.88 3.96 -16.48
C ILE B 124 11.32 4.30 -16.80
N SER B 125 11.58 4.63 -18.07
CA SER B 125 12.92 4.99 -18.51
C SER B 125 13.40 6.22 -17.76
N GLU B 126 12.51 7.20 -17.58
CA GLU B 126 12.88 8.40 -16.86
C GLU B 126 13.26 8.05 -15.44
N PHE B 127 12.43 7.23 -14.79
CA PHE B 127 12.71 6.83 -13.42
C PHE B 127 14.03 6.09 -13.30
N LEU B 128 14.26 5.14 -14.19
CA LEU B 128 15.49 4.34 -14.16
C LEU B 128 16.76 5.18 -14.32
N GLN B 129 16.69 6.28 -15.05
CA GLN B 129 17.86 7.14 -15.24
C GLN B 129 18.33 7.64 -13.88
N ARG B 130 17.40 7.75 -12.94
CA ARG B 130 17.70 8.22 -11.60
C ARG B 130 18.33 7.15 -10.72
N ILE B 131 18.41 5.93 -11.24
CA ILE B 131 19.01 4.85 -10.48
C ILE B 131 20.42 4.57 -10.99
N LYS B 132 21.41 5.01 -10.25
CA LYS B 132 22.80 4.79 -10.65
C LYS B 132 23.48 3.86 -9.65
N ASN B 133 24.54 3.21 -10.11
CA ASN B 133 25.32 2.32 -9.25
C ASN B 133 24.56 1.10 -8.74
N ALA B 134 23.72 0.51 -9.58
CA ALA B 134 22.95 -0.66 -9.20
C ALA B 134 23.49 -1.88 -9.93
N GLU B 135 23.62 -2.99 -9.21
CA GLU B 135 24.12 -4.22 -9.82
C GLU B 135 22.98 -4.86 -10.62
N ASN B 136 21.78 -4.80 -10.07
CA ASN B 136 20.61 -5.39 -10.72
C ASN B 136 19.35 -4.59 -10.49
N VAL B 137 18.58 -4.40 -11.57
CA VAL B 137 17.32 -3.70 -11.51
C VAL B 137 16.28 -4.51 -12.27
N GLU B 138 15.21 -4.89 -11.61
CA GLU B 138 14.14 -5.67 -12.24
C GLU B 138 12.85 -4.87 -12.18
N VAL B 139 12.21 -4.68 -13.32
CA VAL B 139 10.94 -3.97 -13.36
C VAL B 139 9.83 -4.98 -13.59
N ILE B 140 8.86 -5.01 -12.69
CA ILE B 140 7.72 -5.91 -12.83
C ILE B 140 6.47 -5.08 -13.11
N LEU B 141 5.87 -5.27 -14.29
CA LEU B 141 4.65 -4.54 -14.63
C LEU B 141 3.50 -5.31 -13.99
N ILE B 142 2.63 -4.61 -13.27
CA ILE B 142 1.50 -5.28 -12.61
C ILE B 142 0.27 -5.32 -13.50
N SER B 143 -0.06 -6.52 -14.00
CA SER B 143 -1.21 -6.68 -14.88
C SER B 143 -2.50 -6.81 -14.08
N GLU B 144 -2.40 -7.28 -12.84
CA GLU B 144 -3.60 -7.42 -12.01
C GLU B 144 -3.33 -7.25 -10.52
N VAL B 145 -4.20 -6.50 -9.86
CA VAL B 145 -4.11 -6.31 -8.42
C VAL B 145 -5.26 -7.16 -7.87
N ARG B 146 -4.93 -8.26 -7.20
CA ARG B 146 -5.95 -9.15 -6.66
C ARG B 146 -6.35 -8.82 -5.23
N LYS B 147 -5.39 -8.41 -4.43
CA LYS B 147 -5.66 -8.06 -3.05
C LYS B 147 -4.78 -6.87 -2.71
N PHE B 148 -5.31 -5.93 -1.95
CA PHE B 148 -4.54 -4.76 -1.57
C PHE B 148 -5.04 -4.11 -0.29
N GLU B 149 -4.30 -4.29 0.80
CA GLU B 149 -4.64 -3.71 2.09
C GLU B 149 -3.35 -3.19 2.70
N ILE B 150 -3.48 -2.34 3.71
CA ILE B 150 -2.29 -1.81 4.38
C ILE B 150 -1.99 -2.68 5.61
N ILE B 151 -3.04 -2.96 6.39
CA ILE B 151 -2.91 -3.81 7.57
C ILE B 151 -4.15 -4.69 7.69
#